data_4CZR
#
_entry.id   4CZR
#
_cell.length_a   108.780
_cell.length_b   108.780
_cell.length_c   68.390
_cell.angle_alpha   90.00
_cell.angle_beta   90.00
_cell.angle_gamma   90.00
#
_symmetry.space_group_name_H-M   'P 43 21 2'
#
loop_
_entity.id
_entity.type
_entity.pdbx_description
1 polymer 'EXTRALONG MANGANESE PEROXIDASE'
2 non-polymer 'CALCIUM ION'
3 non-polymer 'PROTOPORPHYRIN IX CONTAINING FE'
4 non-polymer 'CADMIUM ION'
5 non-polymer GLYCEROL
6 water water
#
_entity_poly.entity_id   1
_entity_poly.type   'polypeptide(L)'
_entity_poly.pdbx_seq_one_letter_code
;MAPTAVCSDGTRVSNAVCCDFVSLGQDLQSMVLQGDCGEDAHEIIRLTFHDAVAISRKLGPSAGGGADGSMLLFPLVEPE
FAASNGIDDSVNNLIPFLSLHPTISAGDLVQFAGAVALSNCPGAPRVQFLAGRPNHTIAAIDGLIPEPQDNVTSILERFD
DAGGFTPFEVVSLLASHTIARADKVDPTLDAAPFDTTPFTFDSQIFLEVLLKGVGFPGLDNNTGEVSSPLPLGDTSTGGK
DTGLMRLQSDFALAHDPRTACFWQGFVDQQEFMSQSFASAFAKLAVLGHNTDDLIDCSEVVPVPKPAVDKPTTFPATTGP
QDLELSCLAERFPTLSVDPGAQETLIPHCSDGLENCTSVQFSGPATDSP
;
_entity_poly.pdbx_strand_id   A
#
loop_
_chem_comp.id
_chem_comp.type
_chem_comp.name
_chem_comp.formula
CA non-polymer 'CALCIUM ION' 'Ca 2'
CD non-polymer 'CADMIUM ION' 'Cd 2'
GOL non-polymer GLYCEROL 'C3 H8 O3'
HEM non-polymer 'PROTOPORPHYRIN IX CONTAINING FE' 'C34 H32 Fe N4 O4'
#
# COMPACT_ATOMS: atom_id res chain seq x y z
N PRO A 3 6.91 -15.15 -29.06
CA PRO A 3 6.07 -16.35 -29.22
C PRO A 3 5.82 -17.10 -27.92
N THR A 4 4.77 -17.93 -27.91
CA THR A 4 4.31 -18.59 -26.70
C THR A 4 5.26 -19.67 -26.17
N ALA A 5 5.18 -19.89 -24.85
CA ALA A 5 5.77 -21.05 -24.21
C ALA A 5 4.88 -21.37 -23.02
N VAL A 6 5.00 -22.59 -22.50
CA VAL A 6 4.32 -22.95 -21.27
C VAL A 6 5.40 -22.93 -20.19
N CYS A 7 5.05 -22.45 -18.99
CA CYS A 7 6.05 -22.40 -17.92
C CYS A 7 6.13 -23.73 -17.19
N SER A 8 7.13 -23.87 -16.33
CA SER A 8 7.39 -25.13 -15.63
C SER A 8 6.26 -25.47 -14.65
N ASP A 9 5.38 -24.51 -14.41
CA ASP A 9 4.20 -24.74 -13.54
C ASP A 9 2.94 -24.94 -14.37
N GLY A 10 3.07 -24.88 -15.70
CA GLY A 10 1.95 -25.09 -16.60
C GLY A 10 1.32 -23.81 -17.13
N THR A 11 1.86 -22.67 -16.72
CA THR A 11 1.29 -21.37 -17.11
C THR A 11 1.66 -20.96 -18.53
N ARG A 12 0.64 -20.73 -19.35
CA ARG A 12 0.83 -20.26 -20.72
C ARG A 12 1.22 -18.78 -20.73
N VAL A 13 2.36 -18.47 -21.30
CA VAL A 13 2.81 -17.08 -21.37
C VAL A 13 3.00 -16.59 -22.81
N SER A 14 2.92 -15.28 -23.00
CA SER A 14 3.07 -14.67 -24.32
C SER A 14 4.54 -14.53 -24.70
N ASN A 15 5.42 -14.85 -23.75
CA ASN A 15 6.84 -14.65 -23.92
C ASN A 15 7.56 -15.45 -22.85
N ALA A 16 8.42 -16.38 -23.28
CA ALA A 16 9.11 -17.27 -22.35
C ALA A 16 10.02 -16.55 -21.35
N VAL A 17 10.32 -15.28 -21.62
CA VAL A 17 11.09 -14.47 -20.68
C VAL A 17 10.31 -14.27 -19.37
N CYS A 18 8.98 -14.27 -19.46
CA CYS A 18 8.13 -14.19 -18.29
C CYS A 18 8.34 -15.36 -17.33
N CYS A 19 8.89 -16.47 -17.83
CA CYS A 19 9.03 -17.67 -17.02
C CYS A 19 10.03 -17.51 -15.87
N ASP A 20 10.97 -16.57 -16.01
CA ASP A 20 11.94 -16.34 -14.95
C ASP A 20 11.25 -15.85 -13.66
N PHE A 21 10.08 -15.23 -13.82
CA PHE A 21 9.37 -14.67 -12.69
C PHE A 21 8.64 -15.72 -11.88
N VAL A 22 8.42 -16.90 -12.47
CA VAL A 22 7.74 -17.96 -11.74
C VAL A 22 8.53 -18.38 -10.51
N SER A 23 9.82 -18.66 -10.67
CA SER A 23 10.64 -19.05 -9.53
C SER A 23 10.87 -17.88 -8.58
N LEU A 24 10.92 -16.66 -9.11
CA LEU A 24 11.04 -15.48 -8.25
C LEU A 24 9.83 -15.37 -7.33
N GLY A 25 8.64 -15.60 -7.89
CA GLY A 25 7.42 -15.56 -7.12
C GLY A 25 7.43 -16.60 -6.01
N GLN A 26 7.86 -17.81 -6.34
CA GLN A 26 7.93 -18.88 -5.36
C GLN A 26 8.91 -18.55 -4.24
N ASP A 27 10.04 -17.93 -4.59
CA ASP A 27 11.04 -17.59 -3.58
C ASP A 27 10.59 -16.42 -2.72
N LEU A 28 9.90 -15.45 -3.31
CA LEU A 28 9.34 -14.35 -2.52
C LEU A 28 8.35 -14.87 -1.48
N GLN A 29 7.52 -15.84 -1.86
CA GLN A 29 6.58 -16.41 -0.90
C GLN A 29 7.29 -17.25 0.14
N SER A 30 8.18 -18.13 -0.29
CA SER A 30 8.79 -19.06 0.66
C SER A 30 9.70 -18.34 1.65
N MET A 31 10.37 -17.28 1.20
CA MET A 31 11.44 -16.68 2.00
C MET A 31 11.03 -15.42 2.77
N VAL A 32 9.98 -14.73 2.32
CA VAL A 32 9.59 -13.46 2.94
C VAL A 32 8.09 -13.36 3.23
N LEU A 33 7.25 -13.46 2.19
CA LEU A 33 5.83 -13.15 2.31
C LEU A 33 5.04 -14.25 3.01
N GLN A 34 5.49 -15.50 2.83
CA GLN A 34 4.87 -16.65 3.47
C GLN A 34 3.37 -16.80 3.21
N GLY A 35 2.95 -16.38 2.02
CA GLY A 35 1.57 -16.52 1.60
C GLY A 35 0.60 -15.62 2.37
N ASP A 36 1.15 -14.73 3.22
CA ASP A 36 0.33 -13.93 4.12
C ASP A 36 0.18 -12.50 3.64
N CYS A 37 -0.97 -11.89 3.93
CA CYS A 37 -1.14 -10.46 3.75
C CYS A 37 -0.64 -9.78 5.03
N GLY A 38 0.60 -10.03 5.40
CA GLY A 38 1.08 -9.59 6.70
C GLY A 38 2.03 -8.41 6.65
N GLU A 39 2.75 -8.19 7.76
CA GLU A 39 3.69 -7.10 7.84
C GLU A 39 4.60 -6.98 6.61
N ASP A 40 5.28 -8.06 6.24
CA ASP A 40 6.24 -7.97 5.15
C ASP A 40 5.58 -7.64 3.83
N ALA A 41 4.38 -8.18 3.59
CA ALA A 41 3.67 -7.87 2.36
C ALA A 41 3.28 -6.41 2.31
N HIS A 42 2.86 -5.86 3.44
CA HIS A 42 2.41 -4.47 3.48
C HIS A 42 3.59 -3.57 3.14
N GLU A 43 4.75 -3.86 3.72
CA GLU A 43 5.92 -2.99 3.54
C GLU A 43 6.38 -3.04 2.09
N ILE A 44 6.30 -4.21 1.48
CA ILE A 44 6.70 -4.36 0.09
C ILE A 44 5.75 -3.59 -0.84
N ILE A 45 4.47 -3.56 -0.50
CA ILE A 45 3.52 -2.75 -1.27
C ILE A 45 3.80 -1.24 -1.12
N ARG A 46 4.09 -0.81 0.12
CA ARG A 46 4.49 0.58 0.36
C ARG A 46 5.71 0.94 -0.53
N LEU A 47 6.66 0.01 -0.62
CA LEU A 47 7.88 0.25 -1.39
C LEU A 47 7.62 0.45 -2.89
N THR A 48 6.66 -0.27 -3.46
CA THR A 48 6.32 -0.04 -4.87
C THR A 48 5.99 1.43 -5.12
N PHE A 49 5.36 2.06 -4.14
CA PHE A 49 4.99 3.46 -4.25
C PHE A 49 6.18 4.40 -4.06
N HIS A 50 6.98 4.14 -3.02
CA HIS A 50 8.17 4.96 -2.78
C HIS A 50 9.17 4.84 -3.92
N ASP A 51 9.24 3.68 -4.56
CA ASP A 51 10.14 3.53 -5.70
C ASP A 51 9.58 4.28 -6.90
N ALA A 52 8.31 4.02 -7.21
CA ALA A 52 7.70 4.58 -8.42
C ALA A 52 7.52 6.10 -8.45
N VAL A 53 7.12 6.68 -7.32
CA VAL A 53 6.66 8.07 -7.33
C VAL A 53 7.79 9.11 -7.43
N ALA A 54 9.02 8.68 -7.14
CA ALA A 54 10.18 9.58 -7.24
C ALA A 54 10.55 9.84 -8.70
N ILE A 55 9.76 10.71 -9.33
CA ILE A 55 9.93 11.08 -10.73
C ILE A 55 9.17 12.38 -10.90
N SER A 56 9.63 13.25 -11.81
CA SER A 56 9.05 14.57 -11.95
C SER A 56 9.09 15.03 -13.39
N ARG A 57 7.92 15.31 -13.96
CA ARG A 57 7.83 15.83 -15.32
C ARG A 57 8.49 17.21 -15.42
N LYS A 58 8.20 18.08 -14.45
CA LYS A 58 8.69 19.45 -14.50
C LYS A 58 10.20 19.59 -14.23
N LEU A 59 10.77 18.69 -13.43
CA LEU A 59 12.21 18.75 -13.14
C LEU A 59 13.01 17.99 -14.18
N GLY A 60 12.34 17.11 -14.91
CA GLY A 60 13.00 16.29 -15.92
C GLY A 60 13.62 15.05 -15.33
N PRO A 61 14.17 14.20 -16.20
CA PRO A 61 14.71 12.86 -15.92
C PRO A 61 15.75 12.81 -14.81
N SER A 62 16.52 13.87 -14.63
CA SER A 62 17.62 13.86 -13.65
C SER A 62 17.14 13.78 -12.20
N ALA A 63 15.92 14.26 -11.94
CA ALA A 63 15.35 14.21 -10.59
C ALA A 63 15.03 12.79 -10.12
N GLY A 64 14.82 11.87 -11.07
CA GLY A 64 14.45 10.51 -10.73
C GLY A 64 13.86 9.73 -11.88
N GLY A 65 14.09 8.42 -11.88
CA GLY A 65 13.62 7.59 -12.97
C GLY A 65 12.37 6.78 -12.69
N GLY A 66 11.65 7.12 -11.62
CA GLY A 66 10.41 6.44 -11.30
C GLY A 66 10.57 4.98 -10.84
N ALA A 67 9.75 4.09 -11.40
CA ALA A 67 9.80 2.68 -11.05
C ALA A 67 11.03 2.04 -11.66
N ASP A 68 12.18 2.19 -10.98
CA ASP A 68 13.45 1.83 -11.59
C ASP A 68 14.33 1.00 -10.66
N GLY A 69 13.82 0.73 -9.45
CA GLY A 69 14.57 -0.05 -8.48
C GLY A 69 15.63 0.78 -7.80
N SER A 70 15.50 2.11 -7.89
CA SER A 70 16.50 3.01 -7.30
C SER A 70 16.62 2.79 -5.78
N MET A 71 15.51 2.51 -5.12
CA MET A 71 15.51 2.18 -3.69
C MET A 71 16.41 0.98 -3.34
N LEU A 72 16.49 -0.01 -4.22
CA LEU A 72 17.29 -1.21 -3.95
C LEU A 72 18.73 -1.05 -4.45
N LEU A 73 18.91 -0.32 -5.54
CA LEU A 73 20.22 -0.19 -6.18
C LEU A 73 21.07 0.86 -5.46
N PHE A 74 20.40 1.82 -4.83
CA PHE A 74 21.07 2.83 -4.00
C PHE A 74 20.49 2.90 -2.60
N PRO A 75 20.67 1.82 -1.82
CA PRO A 75 20.01 1.69 -0.52
C PRO A 75 20.56 2.63 0.53
N LEU A 76 21.68 3.28 0.25
CA LEU A 76 22.27 4.23 1.20
C LEU A 76 21.80 5.67 0.93
N VAL A 77 20.98 5.87 -0.10
CA VAL A 77 20.51 7.22 -0.45
C VAL A 77 19.03 7.48 -0.11
N GLU A 78 18.11 7.09 -1.00
CA GLU A 78 16.68 7.38 -0.80
C GLU A 78 16.03 6.76 0.46
N PRO A 79 16.39 5.51 0.81
CA PRO A 79 15.71 4.95 1.99
C PRO A 79 15.99 5.73 3.26
N GLU A 80 17.06 6.53 3.28
CA GLU A 80 17.40 7.32 4.46
C GLU A 80 16.92 8.78 4.40
N PHE A 81 16.23 9.16 3.32
CA PHE A 81 15.56 10.48 3.28
C PHE A 81 14.41 10.43 4.27
N ALA A 82 14.11 11.55 4.93
CA ALA A 82 13.12 11.56 6.01
C ALA A 82 11.76 10.97 5.64
N ALA A 83 11.29 11.26 4.42
CA ALA A 83 9.96 10.81 4.00
C ALA A 83 9.85 9.29 3.90
N SER A 84 10.99 8.60 3.83
CA SER A 84 11.00 7.15 3.64
C SER A 84 11.46 6.40 4.88
N ASN A 85 11.49 7.09 6.03
CA ASN A 85 11.88 6.45 7.28
C ASN A 85 11.08 5.18 7.51
N GLY A 86 11.76 4.04 7.63
CA GLY A 86 11.08 2.78 7.85
C GLY A 86 10.99 1.90 6.61
N ILE A 87 11.24 2.48 5.44
CA ILE A 87 11.27 1.71 4.21
C ILE A 87 12.46 0.74 4.15
N ASP A 88 13.43 0.90 5.04
CA ASP A 88 14.60 0.02 5.06
C ASP A 88 14.24 -1.47 5.15
N ASP A 89 13.18 -1.78 5.88
CA ASP A 89 12.78 -3.17 6.06
C ASP A 89 12.48 -3.89 4.74
N SER A 90 11.62 -3.29 3.92
CA SER A 90 11.26 -3.88 2.64
C SER A 90 12.47 -3.87 1.69
N VAL A 91 13.23 -2.79 1.70
CA VAL A 91 14.43 -2.72 0.87
C VAL A 91 15.41 -3.84 1.20
N ASN A 92 15.71 -4.01 2.49
CA ASN A 92 16.62 -5.06 2.92
C ASN A 92 16.09 -6.47 2.63
N ASN A 93 14.77 -6.65 2.66
CA ASN A 93 14.20 -7.94 2.34
C ASN A 93 14.32 -8.29 0.87
N LEU A 94 14.30 -7.29 0.00
CA LEU A 94 14.28 -7.54 -1.44
C LEU A 94 15.68 -7.63 -2.05
N ILE A 95 16.65 -6.92 -1.47
CA ILE A 95 18.02 -6.91 -2.01
C ILE A 95 18.62 -8.30 -2.36
N PRO A 96 18.54 -9.28 -1.45
CA PRO A 96 19.06 -10.62 -1.76
C PRO A 96 18.52 -11.24 -3.05
N PHE A 97 17.30 -10.87 -3.45
CA PHE A 97 16.70 -11.47 -4.65
C PHE A 97 17.38 -11.00 -5.94
N LEU A 98 18.15 -9.92 -5.87
CA LEU A 98 18.88 -9.40 -7.03
C LEU A 98 19.97 -10.37 -7.52
N SER A 99 20.68 -11.01 -6.60
CA SER A 99 21.71 -11.99 -6.96
C SER A 99 21.14 -13.39 -7.10
N LEU A 100 20.05 -13.68 -6.38
CA LEU A 100 19.41 -14.98 -6.49
C LEU A 100 18.72 -15.12 -7.85
N HIS A 101 18.19 -14.01 -8.36
CA HIS A 101 17.56 -13.99 -9.68
C HIS A 101 18.16 -12.88 -10.55
N PRO A 102 19.38 -13.13 -11.09
CA PRO A 102 20.19 -12.10 -11.76
C PRO A 102 19.65 -11.65 -13.13
N THR A 103 18.73 -12.42 -13.74
CA THR A 103 18.14 -12.00 -15.00
C THR A 103 17.07 -10.93 -14.80
N ILE A 104 16.70 -10.67 -13.55
CA ILE A 104 15.57 -9.77 -13.24
C ILE A 104 16.05 -8.45 -12.65
N SER A 105 15.67 -7.33 -13.27
CA SER A 105 16.13 -6.02 -12.82
C SER A 105 15.51 -5.64 -11.49
N ALA A 106 16.15 -4.71 -10.79
CA ALA A 106 15.66 -4.22 -9.51
C ALA A 106 14.28 -3.59 -9.65
N GLY A 107 14.06 -2.90 -10.77
CA GLY A 107 12.77 -2.26 -11.05
C GLY A 107 11.67 -3.29 -11.24
N ASP A 108 11.96 -4.34 -12.02
CA ASP A 108 11.01 -5.44 -12.18
C ASP A 108 10.78 -6.15 -10.85
N LEU A 109 11.84 -6.34 -10.07
CA LEU A 109 11.75 -6.99 -8.76
C LEU A 109 10.77 -6.29 -7.82
N VAL A 110 10.93 -4.97 -7.67
CA VAL A 110 10.06 -4.19 -6.79
C VAL A 110 8.59 -4.33 -7.18
N GLN A 111 8.31 -4.16 -8.46
CA GLN A 111 6.93 -4.19 -8.92
C GLN A 111 6.32 -5.58 -8.91
N PHE A 112 7.12 -6.59 -9.22
CA PHE A 112 6.58 -7.95 -9.20
C PHE A 112 6.34 -8.39 -7.75
N ALA A 113 7.24 -8.01 -6.84
CA ALA A 113 7.04 -8.29 -5.43
C ALA A 113 5.75 -7.67 -4.92
N GLY A 114 5.46 -6.42 -5.32
CA GLY A 114 4.22 -5.77 -4.94
C GLY A 114 2.99 -6.52 -5.43
N ALA A 115 3.04 -6.97 -6.68
CA ALA A 115 1.96 -7.73 -7.28
C ALA A 115 1.70 -9.04 -6.53
N VAL A 116 2.79 -9.73 -6.17
CA VAL A 116 2.68 -11.00 -5.44
C VAL A 116 2.15 -10.78 -4.03
N ALA A 117 2.68 -9.76 -3.36
CA ALA A 117 2.20 -9.37 -2.03
C ALA A 117 0.70 -9.05 -2.04
N LEU A 118 0.26 -8.26 -3.02
CA LEU A 118 -1.15 -7.94 -3.17
C LEU A 118 -2.03 -9.20 -3.27
N SER A 119 -1.58 -10.18 -4.06
CA SER A 119 -2.34 -11.42 -4.26
C SER A 119 -2.56 -12.21 -2.95
N ASN A 120 -1.76 -11.91 -1.92
CA ASN A 120 -1.98 -12.53 -0.61
C ASN A 120 -3.12 -11.91 0.21
N CYS A 121 -3.64 -10.77 -0.25
CA CYS A 121 -4.66 -10.04 0.50
C CYS A 121 -6.06 -10.30 -0.07
N PRO A 122 -6.96 -10.88 0.76
CA PRO A 122 -8.33 -11.19 0.30
C PRO A 122 -9.05 -9.95 -0.23
N GLY A 123 -9.42 -10.00 -1.50
CA GLY A 123 -10.14 -8.88 -2.11
C GLY A 123 -9.31 -8.02 -3.04
N ALA A 124 -7.98 -8.18 -2.96
CA ALA A 124 -7.07 -7.40 -3.80
C ALA A 124 -7.21 -7.80 -5.27
N PRO A 125 -6.98 -6.85 -6.18
CA PRO A 125 -7.05 -7.20 -7.61
C PRO A 125 -5.81 -7.96 -8.07
N ARG A 126 -5.95 -8.73 -9.14
CA ARG A 126 -4.80 -9.32 -9.80
C ARG A 126 -4.21 -8.24 -10.69
N VAL A 127 -3.13 -7.58 -10.26
CA VAL A 127 -2.68 -6.40 -11.00
C VAL A 127 -1.94 -6.78 -12.27
N GLN A 128 -1.95 -5.86 -13.22
CA GLN A 128 -1.13 -6.03 -14.42
C GLN A 128 0.33 -6.07 -14.00
N PHE A 129 1.14 -6.84 -14.72
CA PHE A 129 2.58 -6.77 -14.52
C PHE A 129 3.32 -6.77 -15.85
N LEU A 130 3.96 -5.64 -16.16
CA LEU A 130 4.79 -5.55 -17.35
C LEU A 130 6.25 -5.62 -16.93
N ALA A 131 7.04 -6.37 -17.69
CA ALA A 131 8.44 -6.56 -17.34
C ALA A 131 9.38 -5.93 -18.39
N GLY A 132 10.63 -5.70 -18.01
CA GLY A 132 11.61 -5.18 -18.93
C GLY A 132 12.22 -3.85 -18.51
N ARG A 133 11.99 -3.44 -17.27
CA ARG A 133 12.59 -2.21 -16.78
C ARG A 133 14.10 -2.40 -16.76
N PRO A 134 14.86 -1.38 -17.20
CA PRO A 134 16.33 -1.49 -17.26
C PRO A 134 16.93 -1.70 -15.88
N ASN A 135 18.04 -2.45 -15.82
CA ASN A 135 18.63 -2.86 -14.56
C ASN A 135 19.57 -1.83 -13.94
N HIS A 136 19.61 -0.65 -14.53
CA HIS A 136 20.50 0.42 -14.09
C HIS A 136 19.79 1.76 -14.04
N THR A 137 20.09 2.56 -13.01
CA THR A 137 19.53 3.90 -12.89
C THR A 137 20.43 4.70 -11.96
N ILE A 138 19.96 5.86 -11.49
CA ILE A 138 20.63 6.52 -10.38
C ILE A 138 19.63 6.92 -9.30
N ALA A 139 20.13 7.29 -8.13
CA ALA A 139 19.27 7.69 -7.01
C ALA A 139 18.49 8.95 -7.30
N ALA A 140 17.21 8.97 -6.93
CA ALA A 140 16.40 10.15 -7.11
C ALA A 140 16.80 11.21 -6.09
N ILE A 141 16.37 12.44 -6.32
CA ILE A 141 16.54 13.52 -5.36
C ILE A 141 15.50 13.42 -4.24
N ASP A 142 15.72 14.17 -3.17
CA ASP A 142 14.81 14.20 -2.03
C ASP A 142 13.61 15.10 -2.36
N GLY A 143 12.53 14.98 -1.61
CA GLY A 143 11.37 15.85 -1.77
C GLY A 143 10.27 15.36 -2.72
N LEU A 144 10.42 14.15 -3.27
CA LEU A 144 9.46 13.68 -4.25
C LEU A 144 8.33 12.82 -3.68
N ILE A 145 8.46 12.42 -2.42
CA ILE A 145 7.46 11.54 -1.83
C ILE A 145 6.53 12.30 -0.88
N PRO A 146 5.21 12.22 -1.13
CA PRO A 146 4.22 12.92 -0.31
C PRO A 146 4.26 12.46 1.14
N GLU A 147 4.02 13.38 2.06
CA GLU A 147 4.04 13.07 3.49
C GLU A 147 2.66 13.29 4.09
N PRO A 148 2.35 12.59 5.20
CA PRO A 148 0.98 12.64 5.73
C PRO A 148 0.54 14.03 6.21
N GLN A 149 1.48 14.94 6.46
CA GLN A 149 1.10 16.29 6.84
C GLN A 149 0.80 17.21 5.65
N ASP A 150 1.08 16.75 4.43
CA ASP A 150 0.84 17.58 3.25
C ASP A 150 -0.67 17.82 3.03
N ASN A 151 -1.04 18.98 2.51
CA ASN A 151 -2.44 19.23 2.14
C ASN A 151 -2.81 18.65 0.77
N VAL A 152 -4.10 18.64 0.45
CA VAL A 152 -4.58 18.04 -0.80
C VAL A 152 -4.03 18.68 -2.07
N THR A 153 -3.90 20.01 -2.09
CA THR A 153 -3.34 20.69 -3.26
C THR A 153 -1.95 20.17 -3.58
N SER A 154 -1.15 20.06 -2.53
CA SER A 154 0.22 19.57 -2.64
C SER A 154 0.24 18.12 -3.12
N ILE A 155 -0.59 17.30 -2.46
CA ILE A 155 -0.69 15.88 -2.82
C ILE A 155 -1.07 15.72 -4.29
N LEU A 156 -2.13 16.43 -4.71
CA LEU A 156 -2.60 16.31 -6.08
C LEU A 156 -1.56 16.81 -7.08
N GLU A 157 -0.87 17.92 -6.76
CA GLU A 157 0.18 18.44 -7.63
C GLU A 157 1.31 17.44 -7.80
N ARG A 158 1.71 16.80 -6.71
CA ARG A 158 2.84 15.86 -6.74
C ARG A 158 2.52 14.65 -7.63
N PHE A 159 1.32 14.08 -7.47
CA PHE A 159 0.89 12.96 -8.29
C PHE A 159 0.72 13.35 -9.76
N ASP A 160 0.20 14.55 -10.01
CA ASP A 160 0.06 15.02 -11.39
C ASP A 160 1.44 15.25 -12.00
N ASP A 161 2.35 15.81 -11.21
CA ASP A 161 3.71 16.02 -11.68
C ASP A 161 4.47 14.70 -11.87
N ALA A 162 4.15 13.69 -11.07
CA ALA A 162 4.86 12.42 -11.20
C ALA A 162 4.45 11.64 -12.44
N GLY A 163 3.15 11.64 -12.73
CA GLY A 163 2.66 10.86 -13.87
C GLY A 163 1.25 11.16 -14.34
N GLY A 164 0.77 12.39 -14.15
CA GLY A 164 -0.52 12.80 -14.67
C GLY A 164 -1.72 12.16 -14.00
N PHE A 165 -1.54 11.72 -12.76
CA PHE A 165 -2.64 11.11 -12.01
C PHE A 165 -3.73 12.12 -11.72
N THR A 166 -4.98 11.72 -12.00
CA THR A 166 -6.15 12.54 -11.67
C THR A 166 -6.49 12.38 -10.19
N PRO A 167 -7.27 13.32 -9.63
CA PRO A 167 -7.75 13.14 -8.25
C PRO A 167 -8.41 11.77 -8.04
N PHE A 168 -9.18 11.28 -9.01
CA PHE A 168 -9.80 9.95 -8.86
C PHE A 168 -8.74 8.86 -8.73
N GLU A 169 -7.69 8.93 -9.54
CA GLU A 169 -6.65 7.90 -9.48
C GLU A 169 -5.87 7.97 -8.17
N VAL A 170 -5.66 9.18 -7.65
CA VAL A 170 -5.03 9.35 -6.33
C VAL A 170 -5.86 8.69 -5.24
N VAL A 171 -7.15 9.00 -5.16
CA VAL A 171 -8.01 8.35 -4.18
C VAL A 171 -8.00 6.82 -4.41
N SER A 172 -8.01 6.39 -5.67
CA SER A 172 -7.97 4.96 -5.99
C SER A 172 -6.72 4.29 -5.41
N LEU A 173 -5.58 4.95 -5.57
CA LEU A 173 -4.31 4.42 -5.07
C LEU A 173 -4.33 4.31 -3.55
N LEU A 174 -5.03 5.25 -2.90
CA LEU A 174 -5.05 5.25 -1.46
C LEU A 174 -5.95 4.16 -0.85
N ALA A 175 -6.66 3.42 -1.71
CA ALA A 175 -7.33 2.20 -1.28
C ALA A 175 -6.30 1.25 -0.62
N SER A 176 -5.03 1.42 -0.97
CA SER A 176 -3.97 0.62 -0.37
C SER A 176 -3.94 0.74 1.14
N HIS A 177 -4.47 1.84 1.68
CA HIS A 177 -4.47 2.01 3.13
C HIS A 177 -5.47 1.09 3.84
N THR A 178 -6.18 0.26 3.08
CA THR A 178 -7.04 -0.76 3.66
C THR A 178 -6.21 -1.89 4.28
N ILE A 179 -4.93 -1.99 3.90
CA ILE A 179 -4.02 -3.00 4.46
C ILE A 179 -2.73 -2.32 4.94
N ALA A 180 -2.89 -1.16 5.57
CA ALA A 180 -1.73 -0.36 5.93
C ALA A 180 -1.70 -0.12 7.44
N ARG A 181 -0.50 -0.06 8.00
CA ARG A 181 -0.31 0.29 9.41
C ARG A 181 0.90 1.22 9.54
N ALA A 182 1.00 1.96 10.65
CA ALA A 182 2.10 2.92 10.84
C ALA A 182 3.07 2.49 11.95
N ASP A 183 4.36 2.51 11.67
CA ASP A 183 5.37 2.24 12.69
C ASP A 183 6.16 3.47 13.13
N LYS A 184 6.25 4.47 12.26
CA LYS A 184 7.10 5.64 12.52
C LYS A 184 6.33 6.90 12.89
N VAL A 185 5.07 6.98 12.50
CA VAL A 185 4.26 8.18 12.75
C VAL A 185 4.19 8.54 14.25
N ASP A 186 3.96 7.55 15.08
CA ASP A 186 3.99 7.74 16.53
C ASP A 186 5.21 6.99 17.05
N PRO A 187 6.16 7.72 17.67
CA PRO A 187 7.37 7.06 18.17
C PRO A 187 7.10 6.11 19.35
N THR A 188 5.91 6.16 19.94
CA THR A 188 5.54 5.22 21.00
C THR A 188 4.74 4.00 20.52
N LEU A 189 4.33 3.98 19.25
CA LEU A 189 3.48 2.90 18.75
C LEU A 189 4.10 2.10 17.62
N ASP A 190 3.82 0.79 17.63
CA ASP A 190 4.21 -0.07 16.53
C ASP A 190 2.97 -0.63 15.82
N ALA A 191 3.00 -0.62 14.49
CA ALA A 191 1.94 -1.22 13.69
C ALA A 191 0.54 -0.74 14.03
N ALA A 192 0.37 0.58 14.12
CA ALA A 192 -0.96 1.16 14.31
C ALA A 192 -1.77 1.12 12.99
N PRO A 193 -2.87 0.33 12.96
CA PRO A 193 -3.58 0.09 11.71
C PRO A 193 -4.45 1.28 11.25
N PHE A 194 -4.59 1.47 9.94
CA PHE A 194 -5.39 2.58 9.42
C PHE A 194 -6.87 2.20 9.26
N ASP A 195 -7.16 0.90 9.26
CA ASP A 195 -8.55 0.43 9.35
C ASP A 195 -8.68 -0.80 10.25
N THR A 196 -9.91 -1.25 10.49
CA THR A 196 -10.15 -2.35 11.44
C THR A 196 -9.84 -3.72 10.82
N THR A 197 -9.50 -3.74 9.53
CA THR A 197 -9.17 -4.99 8.84
C THR A 197 -7.88 -4.85 8.03
N PRO A 198 -6.74 -4.69 8.71
CA PRO A 198 -5.49 -4.44 7.99
C PRO A 198 -4.93 -5.64 7.22
N PHE A 199 -5.61 -6.77 7.30
CA PHE A 199 -5.20 -7.96 6.56
C PHE A 199 -6.25 -8.35 5.54
N THR A 200 -7.18 -7.41 5.30
CA THR A 200 -8.27 -7.59 4.32
C THR A 200 -8.37 -6.39 3.38
N PHE A 201 -8.28 -6.65 2.08
CA PHE A 201 -8.40 -5.58 1.08
C PHE A 201 -9.86 -5.28 0.81
N ASP A 202 -10.43 -4.45 1.69
CA ASP A 202 -11.85 -4.13 1.64
C ASP A 202 -12.02 -2.60 1.72
N SER A 203 -13.26 -2.14 1.81
CA SER A 203 -13.48 -0.70 1.83
C SER A 203 -13.64 -0.11 3.23
N GLN A 204 -13.28 -0.85 4.28
CA GLN A 204 -13.43 -0.31 5.65
C GLN A 204 -12.68 1.01 5.84
N ILE A 205 -11.53 1.16 5.18
CA ILE A 205 -10.73 2.38 5.32
C ILE A 205 -11.54 3.60 4.89
N PHE A 206 -12.31 3.44 3.83
CA PHE A 206 -13.08 4.56 3.31
C PHE A 206 -14.19 4.94 4.26
N LEU A 207 -14.83 3.94 4.86
CA LEU A 207 -15.88 4.23 5.84
C LEU A 207 -15.30 4.83 7.11
N GLU A 208 -14.22 4.23 7.62
CA GLU A 208 -13.78 4.58 8.95
C GLU A 208 -13.08 5.95 9.06
N VAL A 209 -12.56 6.47 7.95
CA VAL A 209 -11.95 7.80 7.95
C VAL A 209 -13.05 8.87 8.04
N LEU A 210 -14.27 8.48 7.67
CA LEU A 210 -15.42 9.38 7.68
C LEU A 210 -16.11 9.49 9.04
N LEU A 211 -15.70 8.67 10.00
CA LEU A 211 -16.26 8.74 11.36
C LEU A 211 -15.65 9.91 12.13
N LYS A 212 -16.36 10.45 13.11
CA LYS A 212 -15.79 11.53 13.93
C LYS A 212 -14.64 11.01 14.78
N GLY A 213 -13.51 11.72 14.80
CA GLY A 213 -12.38 11.35 15.64
C GLY A 213 -12.68 11.59 17.12
N VAL A 214 -12.20 10.70 18.00
CA VAL A 214 -12.53 10.83 19.43
C VAL A 214 -11.32 10.80 20.38
N GLY A 215 -10.17 10.36 19.88
CA GLY A 215 -8.96 10.36 20.70
C GLY A 215 -7.79 9.83 19.90
N PHE A 216 -6.69 9.54 20.59
CA PHE A 216 -5.50 9.03 19.91
C PHE A 216 -5.07 7.69 20.47
N PRO A 217 -4.49 6.83 19.62
CA PRO A 217 -3.99 5.52 20.06
C PRO A 217 -2.71 5.64 20.88
N GLY A 218 -2.03 6.78 20.74
CA GLY A 218 -0.78 7.05 21.44
C GLY A 218 -0.70 8.53 21.80
N LEU A 219 0.36 9.20 21.37
CA LEU A 219 0.49 10.64 21.60
C LEU A 219 -0.57 11.43 20.81
N ASP A 220 -0.82 12.67 21.24
CA ASP A 220 -1.89 13.48 20.64
C ASP A 220 -1.38 14.60 19.74
N ASN A 221 -0.09 14.58 19.44
CA ASN A 221 0.54 15.69 18.69
C ASN A 221 1.60 15.26 17.69
N ASN A 222 1.45 14.07 17.12
CA ASN A 222 2.36 13.63 16.07
C ASN A 222 2.10 14.35 14.75
N THR A 223 3.17 14.77 14.07
CA THR A 223 3.05 15.36 12.74
C THR A 223 2.40 14.37 11.78
N GLY A 224 1.37 14.81 11.08
CA GLY A 224 0.76 14.00 10.03
C GLY A 224 -0.37 13.11 10.54
N GLU A 225 -0.66 13.19 11.83
CA GLU A 225 -1.67 12.35 12.44
C GLU A 225 -2.81 13.22 12.96
N VAL A 226 -4.05 12.70 12.88
CA VAL A 226 -5.19 13.39 13.48
C VAL A 226 -5.99 12.41 14.33
N SER A 227 -7.02 12.94 14.99
CA SER A 227 -7.90 12.18 15.87
C SER A 227 -8.46 10.92 15.22
N SER A 228 -8.50 9.84 15.98
CA SER A 228 -8.99 8.55 15.50
C SER A 228 -10.36 8.22 16.08
N PRO A 229 -11.21 7.50 15.32
CA PRO A 229 -12.53 7.14 15.83
C PRO A 229 -12.51 5.90 16.73
N LEU A 230 -11.41 5.14 16.69
CA LEU A 230 -11.33 3.88 17.44
C LEU A 230 -9.93 3.74 18.05
N PRO A 231 -9.58 4.64 18.97
CA PRO A 231 -8.19 4.77 19.41
C PRO A 231 -7.69 3.70 20.37
N LEU A 232 -8.58 2.88 20.94
CA LEU A 232 -8.09 2.01 22.00
C LEU A 232 -7.53 0.65 21.57
N GLY A 233 -6.45 0.27 22.22
CA GLY A 233 -5.81 -1.01 22.01
C GLY A 233 -5.45 -1.60 23.35
N ASP A 234 -4.52 -2.56 23.36
CA ASP A 234 -4.09 -3.15 24.63
C ASP A 234 -2.61 -2.93 24.88
N THR A 235 -2.06 -1.90 24.24
CA THR A 235 -0.63 -1.60 24.34
C THR A 235 -0.21 -1.08 25.71
N SER A 236 -1.12 -0.39 26.40
CA SER A 236 -0.82 0.16 27.74
C SER A 236 -0.54 -0.96 28.75
N THR A 237 -1.06 -2.16 28.47
CA THR A 237 -0.81 -3.32 29.32
C THR A 237 0.08 -4.40 28.66
N GLY A 238 0.91 -3.99 27.72
CA GLY A 238 1.90 -4.90 27.14
C GLY A 238 1.43 -5.71 25.96
N GLY A 239 0.20 -5.49 25.51
CA GLY A 239 -0.33 -6.19 24.35
C GLY A 239 0.19 -5.58 23.06
N LYS A 240 -0.04 -6.25 21.93
CA LYS A 240 0.48 -5.76 20.66
C LYS A 240 -0.60 -5.25 19.72
N ASP A 241 -1.85 -5.34 20.15
CA ASP A 241 -2.98 -4.84 19.36
C ASP A 241 -3.08 -3.33 19.55
N THR A 242 -2.36 -2.59 18.72
CA THR A 242 -2.37 -1.14 18.77
C THR A 242 -3.73 -0.61 18.31
N GLY A 243 -4.17 0.51 18.87
CA GLY A 243 -5.40 1.15 18.43
C GLY A 243 -5.29 1.75 17.04
N LEU A 244 -6.44 2.13 16.47
CA LEU A 244 -6.49 2.63 15.10
C LEU A 244 -5.91 4.04 15.01
N MET A 245 -5.11 4.30 13.98
CA MET A 245 -4.54 5.63 13.73
C MET A 245 -5.18 6.24 12.49
N ARG A 246 -5.39 7.56 12.50
CA ARG A 246 -5.83 8.27 11.29
C ARG A 246 -4.77 9.27 10.82
N LEU A 247 -4.46 9.22 9.52
CA LEU A 247 -3.51 10.17 8.93
C LEU A 247 -4.23 11.46 8.55
N GLN A 248 -3.55 12.59 8.72
CA GLN A 248 -4.07 13.88 8.30
C GLN A 248 -4.41 13.86 6.81
N SER A 249 -3.54 13.24 6.01
CA SER A 249 -3.72 13.21 4.55
C SER A 249 -4.96 12.43 4.13
N ASP A 250 -5.25 11.32 4.82
CA ASP A 250 -6.49 10.58 4.53
C ASP A 250 -7.73 11.39 4.94
N PHE A 251 -7.70 12.02 6.11
CA PHE A 251 -8.81 12.86 6.53
C PHE A 251 -9.02 14.00 5.50
N ALA A 252 -7.93 14.61 5.05
CA ALA A 252 -8.03 15.72 4.11
C ALA A 252 -8.61 15.28 2.77
N LEU A 253 -8.16 14.15 2.24
CA LEU A 253 -8.71 13.61 0.99
C LEU A 253 -10.20 13.25 1.12
N ALA A 254 -10.61 12.78 2.28
CA ALA A 254 -12.01 12.39 2.48
C ALA A 254 -12.98 13.58 2.53
N HIS A 255 -12.46 14.78 2.77
CA HIS A 255 -13.34 15.95 2.92
C HIS A 255 -13.09 17.08 1.92
N ASP A 256 -12.02 17.01 1.14
CA ASP A 256 -11.73 18.04 0.14
C ASP A 256 -12.74 17.94 -1.00
N PRO A 257 -13.24 19.08 -1.49
CA PRO A 257 -14.20 19.06 -2.60
C PRO A 257 -13.68 18.38 -3.86
N ARG A 258 -12.37 18.31 -4.07
CA ARG A 258 -11.85 17.66 -5.27
C ARG A 258 -11.84 16.13 -5.16
N THR A 259 -11.93 15.60 -3.94
CA THR A 259 -11.68 14.17 -3.73
C THR A 259 -12.74 13.46 -2.89
N ALA A 260 -13.54 14.24 -2.15
CA ALA A 260 -14.47 13.68 -1.17
C ALA A 260 -15.51 12.73 -1.79
N CYS A 261 -16.01 13.05 -2.98
CA CYS A 261 -17.00 12.15 -3.57
C CYS A 261 -16.38 10.85 -4.07
N PHE A 262 -15.15 10.93 -4.58
CA PHE A 262 -14.41 9.71 -4.94
C PHE A 262 -14.15 8.88 -3.70
N TRP A 263 -13.75 9.54 -2.60
CA TRP A 263 -13.50 8.82 -1.35
C TRP A 263 -14.76 8.07 -0.90
N GLN A 264 -15.90 8.74 -0.83
CA GLN A 264 -17.09 8.08 -0.32
C GLN A 264 -17.64 7.06 -1.34
N GLY A 265 -17.35 7.29 -2.62
CA GLY A 265 -17.83 6.42 -3.66
C GLY A 265 -17.33 4.99 -3.55
N PHE A 266 -16.27 4.77 -2.78
CA PHE A 266 -15.72 3.42 -2.64
C PHE A 266 -16.31 2.64 -1.45
N VAL A 267 -17.03 3.35 -0.57
CA VAL A 267 -17.64 2.71 0.60
C VAL A 267 -18.64 1.62 0.18
N ASP A 268 -18.44 0.40 0.65
CA ASP A 268 -19.29 -0.73 0.27
C ASP A 268 -19.36 -0.99 -1.24
N GLN A 269 -18.34 -0.59 -1.98
CA GLN A 269 -18.29 -0.95 -3.39
C GLN A 269 -16.99 -1.72 -3.67
N GLN A 270 -16.96 -2.97 -3.20
CA GLN A 270 -15.75 -3.79 -3.25
C GLN A 270 -15.12 -3.87 -4.64
N GLU A 271 -15.91 -4.30 -5.62
CA GLU A 271 -15.42 -4.51 -6.98
C GLU A 271 -14.97 -3.20 -7.65
N PHE A 272 -15.74 -2.13 -7.45
CA PHE A 272 -15.41 -0.82 -8.01
C PHE A 272 -14.07 -0.34 -7.41
N MET A 273 -13.94 -0.49 -6.09
CA MET A 273 -12.70 -0.11 -5.41
C MET A 273 -11.51 -0.93 -5.89
N SER A 274 -11.68 -2.24 -5.97
CA SER A 274 -10.53 -3.09 -6.32
C SER A 274 -10.12 -2.88 -7.79
N GLN A 275 -11.08 -2.72 -8.68
CA GLN A 275 -10.77 -2.43 -10.08
C GLN A 275 -10.17 -1.03 -10.31
N SER A 276 -10.61 -0.07 -9.53
CA SER A 276 -10.08 1.28 -9.61
C SER A 276 -8.64 1.34 -9.12
N PHE A 277 -8.37 0.72 -7.98
CA PHE A 277 -7.00 0.63 -7.48
C PHE A 277 -6.12 -0.05 -8.51
N ALA A 278 -6.60 -1.14 -9.11
CA ALA A 278 -5.78 -1.89 -10.06
C ALA A 278 -5.37 -1.04 -11.27
N SER A 279 -6.30 -0.26 -11.81
CA SER A 279 -6.00 0.60 -12.95
C SER A 279 -4.97 1.69 -12.59
N ALA A 280 -5.17 2.35 -11.46
CA ALA A 280 -4.25 3.40 -11.06
C ALA A 280 -2.88 2.81 -10.67
N PHE A 281 -2.90 1.62 -10.06
CA PHE A 281 -1.65 0.98 -9.65
C PHE A 281 -0.80 0.53 -10.85
N ALA A 282 -1.45 0.04 -11.90
CA ALA A 282 -0.77 -0.37 -13.12
C ALA A 282 -0.05 0.81 -13.74
N LYS A 283 -0.66 1.98 -13.64
CA LYS A 283 -0.08 3.20 -14.16
C LYS A 283 1.10 3.64 -13.27
N LEU A 284 0.95 3.49 -11.97
CA LEU A 284 2.04 3.78 -11.03
C LEU A 284 3.23 2.87 -11.32
N ALA A 285 2.98 1.61 -11.63
CA ALA A 285 4.05 0.61 -11.74
C ALA A 285 4.98 0.81 -12.94
N VAL A 286 4.56 1.62 -13.91
CA VAL A 286 5.38 1.82 -15.09
C VAL A 286 5.83 3.26 -15.23
N LEU A 287 5.71 4.06 -14.17
CA LEU A 287 6.29 5.40 -14.17
C LEU A 287 7.77 5.33 -14.56
N GLY A 288 8.19 6.27 -15.41
CA GLY A 288 9.58 6.28 -15.86
C GLY A 288 9.81 5.43 -17.09
N HIS A 289 8.73 4.85 -17.63
CA HIS A 289 8.86 3.95 -18.77
C HIS A 289 7.78 4.16 -19.81
N ASN A 290 8.12 3.84 -21.06
CA ASN A 290 7.17 3.74 -22.15
C ASN A 290 6.73 2.29 -22.21
N THR A 291 5.42 2.02 -22.16
CA THR A 291 4.95 0.63 -22.12
C THR A 291 5.29 -0.13 -23.40
N ASP A 292 5.60 0.61 -24.47
CA ASP A 292 6.07 0.00 -25.72
C ASP A 292 7.40 -0.75 -25.54
N ASP A 293 8.21 -0.30 -24.57
CA ASP A 293 9.52 -0.91 -24.32
C ASP A 293 9.44 -2.03 -23.27
N LEU A 294 8.22 -2.38 -22.86
CA LEU A 294 8.03 -3.42 -21.85
C LEU A 294 7.27 -4.60 -22.45
N ILE A 295 7.30 -5.75 -21.77
CA ILE A 295 6.56 -6.91 -22.23
C ILE A 295 5.49 -7.32 -21.19
N ASP A 296 4.37 -7.83 -21.67
CA ASP A 296 3.28 -8.23 -20.78
C ASP A 296 3.52 -9.61 -20.14
N CYS A 297 3.72 -9.63 -18.82
CA CYS A 297 3.88 -10.88 -18.08
C CYS A 297 2.81 -10.98 -16.98
N SER A 298 1.62 -10.48 -17.27
CA SER A 298 0.56 -10.46 -16.26
C SER A 298 0.16 -11.87 -15.84
N GLU A 299 0.37 -12.83 -16.73
CA GLU A 299 -0.04 -14.22 -16.49
C GLU A 299 0.70 -14.86 -15.34
N VAL A 300 1.88 -14.34 -15.00
CA VAL A 300 2.65 -14.93 -13.91
C VAL A 300 2.35 -14.31 -12.55
N VAL A 301 1.46 -13.31 -12.51
CA VAL A 301 0.95 -12.81 -11.23
C VAL A 301 -0.04 -13.83 -10.68
N PRO A 302 0.16 -14.28 -9.44
CA PRO A 302 -0.72 -15.27 -8.82
C PRO A 302 -2.16 -14.79 -8.74
N VAL A 303 -3.11 -15.71 -8.90
CA VAL A 303 -4.52 -15.38 -8.66
C VAL A 303 -4.68 -15.03 -7.18
N PRO A 304 -5.30 -13.87 -6.89
CA PRO A 304 -5.36 -13.41 -5.49
C PRO A 304 -6.38 -14.19 -4.67
N LYS A 305 -6.22 -14.17 -3.34
CA LYS A 305 -7.25 -14.70 -2.46
C LYS A 305 -8.54 -13.93 -2.75
N PRO A 306 -9.67 -14.65 -2.82
CA PRO A 306 -10.93 -13.97 -3.16
C PRO A 306 -11.41 -13.00 -2.08
N ALA A 307 -12.27 -12.05 -2.46
CA ALA A 307 -12.87 -11.12 -1.50
C ALA A 307 -13.60 -11.89 -0.40
N VAL A 308 -13.57 -11.37 0.82
CA VAL A 308 -14.25 -12.03 1.93
C VAL A 308 -15.77 -11.97 1.72
N ASP A 309 -16.51 -12.83 2.42
CA ASP A 309 -17.98 -12.81 2.40
C ASP A 309 -18.57 -11.60 3.11
N LYS A 310 -17.92 -11.18 4.19
CA LYS A 310 -18.47 -10.13 5.05
C LYS A 310 -18.79 -8.87 4.26
N PRO A 311 -20.00 -8.32 4.48
CA PRO A 311 -20.37 -7.02 3.91
C PRO A 311 -19.62 -5.90 4.63
N THR A 312 -19.67 -4.69 4.08
CA THR A 312 -19.08 -3.53 4.73
C THR A 312 -20.00 -3.10 5.87
N THR A 313 -19.43 -2.90 7.06
CA THR A 313 -20.25 -2.62 8.25
C THR A 313 -19.56 -1.62 9.14
N PHE A 314 -20.35 -0.97 9.99
CA PHE A 314 -19.81 -0.10 11.01
C PHE A 314 -19.17 -0.95 12.10
N PRO A 315 -17.95 -0.57 12.53
CA PRO A 315 -17.27 -1.30 13.61
C PRO A 315 -18.06 -1.15 14.91
N ALA A 316 -17.91 -2.11 15.83
CA ALA A 316 -18.59 -2.05 17.12
C ALA A 316 -18.39 -0.71 17.82
N THR A 317 -19.47 -0.19 18.39
CA THR A 317 -19.56 1.13 19.07
C THR A 317 -19.66 2.35 18.15
N THR A 318 -19.65 2.13 16.84
CA THR A 318 -19.85 3.24 15.91
C THR A 318 -21.15 3.04 15.16
N GLY A 319 -21.57 4.05 14.40
CA GLY A 319 -22.80 3.98 13.64
C GLY A 319 -22.90 5.21 12.74
N PRO A 320 -23.96 5.27 11.92
CA PRO A 320 -24.10 6.37 10.94
C PRO A 320 -24.21 7.74 11.61
N GLN A 321 -24.67 7.78 12.85
CA GLN A 321 -24.79 9.03 13.57
C GLN A 321 -23.39 9.62 13.90
N ASP A 322 -22.36 8.79 13.75
CA ASP A 322 -20.98 9.23 13.98
C ASP A 322 -20.28 9.75 12.71
N LEU A 323 -20.97 9.76 11.58
CA LEU A 323 -20.33 10.10 10.31
C LEU A 323 -20.20 11.61 10.11
N GLU A 324 -19.09 12.02 9.49
CA GLU A 324 -18.89 13.40 9.05
C GLU A 324 -18.89 13.40 7.53
N LEU A 325 -20.02 13.69 6.91
CA LEU A 325 -20.13 13.58 5.45
C LEU A 325 -19.85 14.89 4.70
N SER A 326 -19.28 14.78 3.49
CA SER A 326 -18.92 15.94 2.67
C SER A 326 -19.45 15.87 1.24
N CYS A 327 -19.90 14.69 0.82
CA CYS A 327 -20.28 14.47 -0.59
C CYS A 327 -21.79 14.61 -0.80
N LEU A 328 -22.20 15.57 -1.63
CA LEU A 328 -23.62 15.75 -1.94
C LEU A 328 -24.11 14.91 -3.11
N ALA A 329 -23.19 14.44 -3.95
CA ALA A 329 -23.56 13.76 -5.20
C ALA A 329 -24.09 12.34 -5.00
N GLU A 330 -23.81 11.73 -3.85
CA GLU A 330 -24.18 10.34 -3.62
C GLU A 330 -24.53 10.12 -2.15
N ARG A 331 -25.69 9.53 -1.89
CA ARG A 331 -26.11 9.22 -0.52
C ARG A 331 -25.25 8.11 0.11
N PHE A 332 -24.82 8.32 1.35
CA PHE A 332 -24.04 7.30 2.04
C PHE A 332 -24.97 6.11 2.26
N PRO A 333 -24.51 4.89 1.95
CA PRO A 333 -25.37 3.71 1.97
C PRO A 333 -25.79 3.28 3.39
N THR A 334 -26.98 2.69 3.50
CA THR A 334 -27.41 2.07 4.76
C THR A 334 -26.62 0.77 4.99
N LEU A 335 -25.94 0.67 6.12
CA LEU A 335 -25.11 -0.49 6.41
C LEU A 335 -25.40 -1.00 7.80
N SER A 336 -25.10 -2.28 8.05
CA SER A 336 -25.29 -2.86 9.38
C SER A 336 -24.19 -2.40 10.36
N VAL A 337 -24.50 -2.48 11.65
CA VAL A 337 -23.56 -2.15 12.72
C VAL A 337 -23.11 -3.43 13.43
N ASP A 338 -21.79 -3.61 13.58
CA ASP A 338 -21.28 -4.76 14.33
C ASP A 338 -21.71 -4.65 15.80
N PRO A 339 -22.28 -5.74 16.36
CA PRO A 339 -22.79 -5.72 17.73
C PRO A 339 -21.63 -5.66 18.72
N GLY A 340 -21.86 -5.03 19.87
CA GLY A 340 -20.82 -4.92 20.89
C GLY A 340 -20.91 -3.61 21.62
N ALA A 341 -20.63 -3.63 22.92
CA ALA A 341 -20.77 -2.45 23.76
C ALA A 341 -19.48 -1.69 23.91
N GLN A 342 -18.34 -2.37 23.70
CA GLN A 342 -17.06 -1.69 23.71
C GLN A 342 -16.27 -1.96 22.43
N GLU A 343 -15.21 -1.19 22.21
CA GLU A 343 -14.41 -1.34 21.00
C GLU A 343 -13.83 -2.75 20.91
N THR A 344 -13.75 -3.28 19.69
CA THR A 344 -13.13 -4.56 19.45
C THR A 344 -11.66 -4.31 19.16
N LEU A 345 -10.76 -5.00 19.86
CA LEU A 345 -9.34 -4.90 19.57
C LEU A 345 -9.07 -5.27 18.11
N ILE A 346 -8.25 -4.50 17.42
CA ILE A 346 -7.83 -4.86 16.07
C ILE A 346 -6.62 -5.77 16.19
N PRO A 347 -6.74 -7.02 15.69
CA PRO A 347 -5.70 -8.03 15.87
C PRO A 347 -4.38 -7.62 15.23
N HIS A 348 -3.28 -7.93 15.91
CA HIS A 348 -1.95 -7.59 15.43
C HIS A 348 -1.53 -8.50 14.27
N CYS A 349 -2.22 -9.63 14.13
CA CYS A 349 -1.83 -10.66 13.17
C CYS A 349 -3.02 -11.14 12.34
N SER A 350 -2.77 -11.57 11.11
CA SER A 350 -3.86 -12.05 10.25
C SER A 350 -4.58 -13.29 10.81
N ASP A 351 -3.99 -13.99 11.76
CA ASP A 351 -4.68 -15.16 12.31
C ASP A 351 -5.54 -14.81 13.53
N GLY A 352 -5.58 -13.54 13.92
CA GLY A 352 -6.39 -13.11 15.04
C GLY A 352 -5.66 -13.04 16.35
N LEU A 353 -4.40 -13.47 16.36
CA LEU A 353 -3.60 -13.48 17.57
C LEU A 353 -2.62 -12.29 17.61
N GLU A 354 -1.69 -12.30 18.57
CA GLU A 354 -0.75 -11.18 18.70
C GLU A 354 0.71 -11.63 18.56
N ASN A 355 0.93 -12.93 18.45
CA ASN A 355 2.28 -13.48 18.59
C ASN A 355 3.02 -13.79 17.28
N CYS A 356 2.41 -13.46 16.14
CA CYS A 356 3.04 -13.72 14.84
C CYS A 356 4.38 -13.00 14.71
N THR A 357 5.30 -13.57 13.95
CA THR A 357 6.58 -12.92 13.68
C THR A 357 6.76 -12.79 12.17
N SER A 358 7.69 -11.93 11.76
CA SER A 358 7.89 -11.63 10.35
C SER A 358 9.34 -11.87 9.95
N VAL A 359 9.57 -12.21 8.69
CA VAL A 359 10.93 -12.35 8.17
C VAL A 359 11.58 -10.97 8.02
N GLN A 360 12.80 -10.82 8.52
CA GLN A 360 13.55 -9.59 8.24
C GLN A 360 15.02 -9.91 7.96
N PHE A 361 15.45 -9.72 6.71
CA PHE A 361 16.86 -9.87 6.39
C PHE A 361 17.64 -8.64 6.87
N SER A 362 18.88 -8.85 7.28
CA SER A 362 19.76 -7.72 7.58
C SER A 362 20.18 -7.12 6.25
N GLY A 363 20.48 -5.83 6.24
CA GLY A 363 20.94 -5.19 5.01
C GLY A 363 21.43 -3.76 5.20
N PRO A 364 21.89 -3.14 4.10
CA PRO A 364 22.53 -1.81 4.07
C PRO A 364 21.61 -0.62 4.35
N ALA A 365 20.32 -0.73 4.03
CA ALA A 365 19.39 0.38 4.31
C ALA A 365 19.10 0.51 5.80
N THR A 366 18.93 1.74 6.28
CA THR A 366 18.72 2.01 7.70
C THR A 366 17.59 3.00 7.92
N ASP A 367 17.26 3.23 9.19
CA ASP A 367 16.15 4.13 9.52
C ASP A 367 16.47 4.87 10.84
N SER A 368 15.46 5.55 11.39
CA SER A 368 15.61 6.19 12.70
C SER A 368 14.38 5.99 13.60
CA CA B . -8.97 -3.35 5.37
CA CA C . 12.66 4.92 -7.99
CHA HEM D . 1.99 3.20 5.08
CHB HEM D . 1.51 7.89 3.94
CHC HEM D . 0.25 6.76 -0.61
CHD HEM D . 0.87 2.07 0.45
C1A HEM D . 2.01 4.57 5.16
C2A HEM D . 2.43 5.38 6.29
C3A HEM D . 2.30 6.67 5.98
C4A HEM D . 1.78 6.73 4.62
CMA HEM D . 2.63 7.86 6.90
CAA HEM D . 2.95 4.86 7.65
CBA HEM D . 4.45 4.55 7.54
CGA HEM D . 4.95 4.24 8.92
O1A HEM D . 4.96 5.15 9.77
O2A HEM D . 5.34 3.06 9.16
C1B HEM D . 1.10 8.00 2.63
C2B HEM D . 0.74 9.24 1.96
C3B HEM D . 0.40 8.93 0.68
C4B HEM D . 0.51 7.49 0.54
CMB HEM D . 0.81 10.63 2.63
CAB HEM D . -0.06 9.89 -0.44
CBB HEM D . -0.71 11.04 -0.22
C1C HEM D . 0.37 5.40 -0.72
C2C HEM D . 0.27 4.64 -1.96
C3C HEM D . 0.45 3.34 -1.66
C4C HEM D . 0.67 3.25 -0.24
CMC HEM D . -0.01 5.30 -3.33
CAC HEM D . 0.42 2.10 -2.59
CBC HEM D . -0.09 2.09 -3.82
C1D HEM D . 1.11 1.92 1.80
C2D HEM D . 1.11 0.66 2.50
C3D HEM D . 1.46 1.02 3.94
C4D HEM D . 1.64 2.45 3.97
CMD HEM D . 0.78 -0.75 1.93
CAD HEM D . 1.58 0.05 5.12
CBD HEM D . 3.02 -0.39 5.34
CGD HEM D . 2.91 -1.37 6.47
O1D HEM D . 3.90 -2.10 6.69
O2D HEM D . 1.83 -1.47 7.10
NA HEM D . 1.62 5.44 4.15
NB HEM D . 0.95 6.96 1.73
NC HEM D . 0.62 4.51 0.31
ND HEM D . 1.44 2.95 2.68
FE HEM D . 0.76 4.98 2.28
CD CD E . 5.02 -1.47 8.79
CD CD F . 10.76 -1.25 10.98
CD CD G . 14.96 0.61 13.24
C1 GOL H . 7.85 -4.02 13.36
O1 GOL H . 7.66 -2.66 13.03
C2 GOL H . 6.84 -4.87 12.58
O2 GOL H . 7.02 -6.24 12.89
C3 GOL H . 5.43 -4.42 12.99
O3 GOL H . 5.17 -4.84 14.31
C1 GOL I . -12.67 16.07 13.68
O1 GOL I . -14.00 16.32 13.25
C2 GOL I . -12.11 14.90 12.88
O2 GOL I . -13.00 13.79 12.97
C3 GOL I . -10.70 14.52 13.34
O3 GOL I . -10.23 13.32 12.72
#